data_7BWT
#
_entry.id   7BWT
#
_cell.length_a   114.660
_cell.length_b   114.660
_cell.length_c   107.066
_cell.angle_alpha   90.000
_cell.angle_beta   90.000
_cell.angle_gamma   120.000
#
_symmetry.space_group_name_H-M   'P 31 2 1'
#
loop_
_entity.id
_entity.type
_entity.pdbx_description
1 polymer 'SPI-1 type III secretion system effector SopD'
2 polymer 'Ras-related protein Rab-8A'
3 non-polymer DI(HYDROXYETHYL)ETHER
4 non-polymer GLYCEROL
5 non-polymer "GUANOSINE-5'-DIPHOSPHATE"
6 non-polymer 'MAGNESIUM ION'
7 water water
#
loop_
_entity_poly.entity_id
_entity_poly.type
_entity_poly.pdbx_seq_one_letter_code
_entity_poly.pdbx_strand_id
1 'polypeptide(L)'
;MGSSHHHHHHSSGLVPRGSHPVTLSFGNHQNYTLNESRLAHLLSADKEKAIHMGGWDKVQDHFRAEKKDHALEVLHSIIH
GQGRGEPGEMEVNVEDINKIYAFKRLQHLACPAHQDLFTIKMDASQTQFLLMVGDTVISQSNIKDILNISDDAVIESMSR
EERQLFLQICEVIGSKMTWHPELLQESISTLRKEVTGNAQIKTAVYEMMRPAEAPDHPLVEWQDSLTADEKSMLACINAG
NFEPTTQFCKIGYQEVQGEVAFSMMHPCISYLLHSYSPFSEFKPTNSGFLKKLNQDYNDYHAKKMFIDVILEKLYLTHER
SLHIGKDGCSRNILLT
;
A
2 'polypeptide(L)'
;AKTYDYLFKLLLIGDSGVGKTCVLFRFSEDAFNSTFISTIGIDFKIRTIELDGKRIKLQIWDTAGQERFRTITTAYYRGA
MGIMLVYDITNEKSFDNIRNWIRNIEEHASADVEKMILGNKCDVNDKRQVSKERGEKLALDYGIKFMETSAKANINVENA
FFTLARDIKAKMDKKLEGNSPQ
;
B
#
# COMPACT_ATOMS: atom_id res chain seq x y z
N LYS A 49 5.53 -28.78 12.78
CA LYS A 49 5.41 -28.52 14.21
C LYS A 49 6.44 -29.34 14.99
N ALA A 50 6.97 -30.37 14.34
CA ALA A 50 7.99 -31.22 14.93
C ALA A 50 9.37 -30.65 14.62
N ILE A 51 10.16 -30.42 15.67
CA ILE A 51 11.46 -29.76 15.55
C ILE A 51 12.55 -30.81 15.67
N HIS A 52 13.39 -30.94 14.63
CA HIS A 52 14.43 -31.94 14.59
C HIS A 52 15.84 -31.37 14.66
N MET A 53 16.00 -30.06 14.61
CA MET A 53 17.34 -29.46 14.56
C MET A 53 18.11 -29.78 15.84
N GLY A 54 19.42 -29.96 15.68
CA GLY A 54 20.27 -30.29 16.81
C GLY A 54 19.91 -31.62 17.47
N GLY A 55 19.39 -32.57 16.71
CA GLY A 55 18.99 -33.85 17.27
C GLY A 55 17.90 -33.75 18.32
N TRP A 56 17.11 -32.68 18.29
CA TRP A 56 16.12 -32.42 19.32
C TRP A 56 15.11 -33.55 19.49
N ASP A 57 14.96 -34.41 18.47
CA ASP A 57 14.07 -35.56 18.62
C ASP A 57 14.44 -36.40 19.82
N LYS A 58 15.73 -36.64 20.04
CA LYS A 58 16.21 -37.47 21.13
C LYS A 58 16.78 -36.68 22.30
N VAL A 59 17.02 -35.38 22.14
CA VAL A 59 17.60 -34.57 23.20
C VAL A 59 16.55 -33.99 24.15
N GLN A 60 15.31 -33.82 23.68
CA GLN A 60 14.26 -33.24 24.53
C GLN A 60 13.93 -34.10 25.74
N ASP A 61 14.31 -35.38 25.72
CA ASP A 61 13.96 -36.29 26.80
C ASP A 61 14.58 -35.87 28.13
N HIS A 62 15.70 -35.15 28.08
CA HIS A 62 16.43 -34.77 29.28
C HIS A 62 15.94 -33.48 29.91
N PHE A 63 14.75 -33.02 29.53
CA PHE A 63 14.22 -31.75 30.01
C PHE A 63 12.78 -31.90 30.45
N ARG A 64 12.46 -31.31 31.60
CA ARG A 64 11.08 -31.24 32.06
C ARG A 64 10.24 -30.44 31.07
N ALA A 65 8.95 -30.76 31.01
CA ALA A 65 8.05 -30.10 30.07
C ALA A 65 8.04 -28.59 30.28
N GLU A 66 8.11 -28.15 31.54
CA GLU A 66 8.06 -26.73 31.87
C GLU A 66 9.25 -25.94 31.32
N LYS A 67 10.29 -26.62 30.82
CA LYS A 67 11.53 -25.94 30.46
C LYS A 67 12.03 -26.26 29.06
N LYS A 68 11.27 -26.98 28.24
CA LYS A 68 11.75 -27.35 26.91
C LYS A 68 11.77 -26.18 25.95
N ASP A 69 11.02 -25.12 26.21
CA ASP A 69 11.05 -23.95 25.34
C ASP A 69 12.27 -23.09 25.61
N HIS A 70 12.63 -22.92 26.88
CA HIS A 70 13.89 -22.28 27.23
C HIS A 70 15.07 -23.05 26.62
N ALA A 71 15.06 -24.38 26.79
CA ALA A 71 16.18 -25.18 26.30
C ALA A 71 16.27 -25.14 24.77
N LEU A 72 15.12 -25.13 24.10
CA LEU A 72 15.13 -25.00 22.64
C LEU A 72 15.75 -23.69 22.19
N GLU A 73 15.57 -22.62 22.98
CA GLU A 73 16.18 -21.34 22.64
C GLU A 73 17.70 -21.40 22.76
N VAL A 74 18.21 -21.98 23.85
CA VAL A 74 19.65 -22.12 24.02
C VAL A 74 20.20 -23.05 22.95
N LEU A 75 19.45 -24.10 22.60
CA LEU A 75 19.88 -25.00 21.54
C LEU A 75 20.03 -24.27 20.22
N HIS A 76 19.07 -23.40 19.90
CA HIS A 76 19.20 -22.58 18.69
C HIS A 76 20.42 -21.67 18.76
N SER A 77 20.70 -21.12 19.95
CA SER A 77 21.89 -20.29 20.12
C SER A 77 23.17 -21.08 19.88
N ILE A 78 23.15 -22.39 20.20
CA ILE A 78 24.35 -23.19 20.06
C ILE A 78 24.63 -23.51 18.59
N ILE A 79 23.59 -23.82 17.82
CA ILE A 79 23.79 -24.44 16.50
C ILE A 79 23.72 -23.46 15.33
N HIS A 80 23.27 -22.22 15.56
CA HIS A 80 23.15 -21.25 14.45
C HIS A 80 24.13 -20.09 14.62
N GLY A 85 30.20 -28.43 8.44
CA GLY A 85 30.62 -28.59 7.06
C GLY A 85 30.69 -27.28 6.31
N GLU A 86 31.74 -26.49 6.58
CA GLU A 86 31.91 -25.23 5.86
C GLU A 86 32.28 -25.44 4.40
N PRO A 87 33.31 -26.26 4.04
CA PRO A 87 33.69 -26.37 2.62
C PRO A 87 32.59 -26.94 1.74
N GLY A 88 32.05 -26.10 0.84
CA GLY A 88 31.04 -26.50 -0.10
C GLY A 88 29.69 -25.87 0.12
N GLU A 89 29.44 -25.25 1.27
CA GLU A 89 28.16 -24.68 1.60
C GLU A 89 28.19 -23.16 1.51
N MET A 90 27.02 -22.58 1.26
CA MET A 90 26.90 -21.16 0.99
C MET A 90 26.60 -20.38 2.26
N GLU A 91 27.32 -19.28 2.45
CA GLU A 91 27.08 -18.36 3.56
C GLU A 91 25.67 -17.78 3.47
N VAL A 92 25.13 -17.40 4.62
CA VAL A 92 23.82 -16.77 4.70
C VAL A 92 23.96 -15.39 5.34
N ASN A 93 22.92 -14.58 5.19
CA ASN A 93 22.87 -13.22 5.69
C ASN A 93 21.48 -12.98 6.30
N VAL A 94 21.23 -13.63 7.43
CA VAL A 94 19.88 -13.73 7.99
C VAL A 94 19.79 -13.10 9.37
N GLU A 95 20.86 -12.45 9.84
CA GLU A 95 20.86 -11.90 11.20
C GLU A 95 19.74 -10.88 11.38
N ASP A 96 19.59 -9.96 10.42
CA ASP A 96 18.66 -8.85 10.59
C ASP A 96 17.21 -9.28 10.43
N ILE A 97 16.93 -10.26 9.57
CA ILE A 97 15.55 -10.70 9.38
C ILE A 97 15.10 -11.60 10.53
N ASN A 98 16.03 -12.37 11.12
CA ASN A 98 15.67 -13.22 12.25
C ASN A 98 15.37 -12.41 13.51
N LYS A 99 15.87 -11.17 13.58
CA LYS A 99 15.61 -10.33 14.74
C LYS A 99 14.12 -10.11 14.96
N ILE A 100 13.33 -10.10 13.88
CA ILE A 100 11.94 -9.71 14.00
C ILE A 100 11.11 -10.83 14.63
N TYR A 101 11.29 -12.07 14.15
CA TYR A 101 10.63 -13.19 14.82
C TYR A 101 11.17 -13.38 16.22
N ALA A 102 12.45 -13.07 16.43
CA ALA A 102 13.02 -13.14 17.78
C ALA A 102 12.37 -12.11 18.70
N PHE A 103 11.98 -10.96 18.17
CA PHE A 103 11.29 -9.96 18.98
C PHE A 103 9.96 -10.49 19.49
N LYS A 104 9.19 -11.18 18.63
CA LYS A 104 7.93 -11.74 19.07
C LYS A 104 8.13 -12.87 20.07
N ARG A 105 9.24 -13.60 19.97
CA ARG A 105 9.57 -14.59 20.99
C ARG A 105 9.85 -13.92 22.33
N LEU A 106 10.44 -12.72 22.30
CA LEU A 106 10.64 -11.96 23.54
C LEU A 106 9.32 -11.45 24.08
N GLN A 107 8.46 -10.94 23.19
CA GLN A 107 7.16 -10.43 23.61
C GLN A 107 6.28 -11.55 24.18
N HIS A 108 6.36 -12.75 23.58
CA HIS A 108 5.54 -13.88 24.01
C HIS A 108 5.80 -14.27 25.46
N LEU A 109 6.99 -13.97 25.99
CA LEU A 109 7.32 -14.28 27.37
C LEU A 109 7.00 -13.13 28.32
N ALA A 110 6.47 -12.03 27.82
CA ALA A 110 5.98 -10.95 28.68
C ALA A 110 4.52 -11.22 29.08
N CYS A 111 4.07 -10.50 30.11
CA CYS A 111 2.70 -10.67 30.56
C CYS A 111 1.74 -10.01 29.56
N PRO A 112 0.53 -10.59 29.40
CA PRO A 112 -0.42 -10.01 28.44
C PRO A 112 -0.72 -8.53 28.66
N ALA A 113 -0.53 -8.03 29.89
CA ALA A 113 -0.75 -6.62 30.14
C ALA A 113 0.34 -5.77 29.51
N HIS A 114 1.60 -6.21 29.59
CA HIS A 114 2.73 -5.44 29.08
C HIS A 114 3.06 -5.75 27.62
N GLN A 115 2.43 -6.75 27.02
CA GLN A 115 2.81 -7.16 25.66
C GLN A 115 2.51 -6.09 24.62
N ASP A 116 1.65 -5.12 24.95
CA ASP A 116 1.35 -4.06 23.99
C ASP A 116 2.50 -3.06 23.86
N LEU A 117 3.44 -3.04 24.80
CA LEU A 117 4.57 -2.13 24.75
C LEU A 117 5.66 -2.61 23.82
N PHE A 118 5.60 -3.85 23.34
CA PHE A 118 6.56 -4.38 22.37
C PHE A 118 6.08 -4.00 20.98
N THR A 119 6.67 -2.96 20.41
CA THR A 119 6.32 -2.49 19.08
C THR A 119 7.58 -2.33 18.24
N ILE A 120 7.43 -2.43 16.93
CA ILE A 120 8.50 -2.15 15.99
C ILE A 120 8.13 -0.90 15.21
N LYS A 121 8.98 0.12 15.29
CA LYS A 121 8.76 1.42 14.69
C LYS A 121 9.84 1.68 13.64
N MET A 122 9.43 2.24 12.50
CA MET A 122 10.39 2.66 11.50
C MET A 122 11.04 3.97 11.94
N ASP A 123 12.34 4.09 11.67
CA ASP A 123 13.03 5.32 12.05
C ASP A 123 12.80 6.40 11.00
N ALA A 124 13.27 7.61 11.31
CA ALA A 124 13.01 8.76 10.44
C ALA A 124 13.63 8.56 9.06
N SER A 125 14.75 7.83 8.99
CA SER A 125 15.38 7.59 7.69
C SER A 125 14.56 6.69 6.80
N GLN A 126 13.59 5.96 7.36
CA GLN A 126 12.83 4.94 6.65
C GLN A 126 13.74 3.85 6.09
N THR A 127 14.86 3.60 6.79
CA THR A 127 15.82 2.57 6.39
C THR A 127 16.04 1.50 7.45
N GLN A 128 15.55 1.70 8.67
CA GLN A 128 15.70 0.72 9.74
C GLN A 128 14.37 0.51 10.45
N PHE A 129 14.18 -0.70 10.96
CA PHE A 129 13.10 -1.02 11.88
C PHE A 129 13.65 -0.97 13.29
N LEU A 130 13.04 -0.15 14.15
CA LEU A 130 13.45 -0.04 15.53
C LEU A 130 12.59 -0.97 16.39
N LEU A 131 13.25 -1.83 17.15
CA LEU A 131 12.58 -2.78 18.03
C LEU A 131 12.50 -2.15 19.42
N MET A 132 11.27 -1.87 19.87
CA MET A 132 11.06 -0.99 21.00
C MET A 132 10.17 -1.65 22.04
N VAL A 133 10.59 -1.59 23.29
CA VAL A 133 9.78 -1.98 24.45
C VAL A 133 9.52 -0.71 25.23
N GLY A 134 8.32 -0.17 25.11
CA GLY A 134 8.07 1.15 25.68
C GLY A 134 8.85 2.18 24.90
N ASP A 135 9.59 3.02 25.64
CA ASP A 135 10.36 4.10 25.04
C ASP A 135 11.81 3.70 24.73
N THR A 136 12.18 2.44 24.92
CA THR A 136 13.56 2.01 24.80
C THR A 136 13.77 1.22 23.51
N VAL A 137 14.74 1.66 22.71
CA VAL A 137 15.17 0.92 21.53
C VAL A 137 16.17 -0.14 21.99
N ILE A 138 15.77 -1.41 21.91
CA ILE A 138 16.69 -2.48 22.30
C ILE A 138 17.57 -2.96 21.15
N SER A 139 17.13 -2.76 19.91
CA SER A 139 17.95 -3.11 18.74
C SER A 139 17.29 -2.56 17.49
N GLN A 140 18.08 -2.49 16.41
CA GLN A 140 17.63 -2.07 15.10
C GLN A 140 18.05 -3.10 14.06
N SER A 141 17.44 -3.02 12.88
CA SER A 141 17.82 -3.85 11.75
C SER A 141 17.65 -3.07 10.46
N ASN A 142 18.68 -3.10 9.61
CA ASN A 142 18.61 -2.44 8.31
C ASN A 142 17.67 -3.20 7.38
N ILE A 143 16.82 -2.46 6.66
CA ILE A 143 15.87 -3.11 5.77
C ILE A 143 16.57 -3.74 4.57
N LYS A 144 17.68 -3.13 4.11
CA LYS A 144 18.41 -3.72 3.00
C LYS A 144 19.10 -5.03 3.41
N ASP A 145 19.48 -5.16 4.69
CA ASP A 145 20.04 -6.42 5.17
C ASP A 145 18.95 -7.45 5.44
N ILE A 146 17.76 -7.01 5.87
CA ILE A 146 16.63 -7.92 5.98
C ILE A 146 16.33 -8.56 4.63
N LEU A 147 16.34 -7.75 3.57
CA LEU A 147 16.04 -8.22 2.23
C LEU A 147 17.23 -8.86 1.53
N ASN A 148 18.42 -8.75 2.10
CA ASN A 148 19.65 -9.29 1.51
C ASN A 148 19.86 -8.75 0.10
N ILE A 149 19.91 -7.42 0.01
CA ILE A 149 20.09 -6.72 -1.26
C ILE A 149 21.25 -5.75 -1.11
N SER A 150 21.75 -5.27 -2.25
CA SER A 150 22.88 -4.35 -2.26
C SER A 150 22.48 -3.00 -1.68
N ASP A 151 23.49 -2.17 -1.41
CA ASP A 151 23.24 -0.92 -0.71
C ASP A 151 22.68 0.16 -1.63
N ASP A 152 22.99 0.12 -2.91
CA ASP A 152 22.43 1.08 -3.85
C ASP A 152 21.11 0.63 -4.44
N ALA A 153 20.51 -0.43 -3.88
CA ALA A 153 19.16 -0.82 -4.27
C ALA A 153 18.15 0.12 -3.63
N VAL A 154 17.06 0.37 -4.34
CA VAL A 154 16.06 1.37 -3.96
C VAL A 154 14.90 0.69 -3.24
N ILE A 155 14.57 1.19 -2.06
CA ILE A 155 13.43 0.71 -1.29
C ILE A 155 12.33 1.74 -1.42
N GLU A 156 11.28 1.41 -2.17
CA GLU A 156 10.12 2.29 -2.24
C GLU A 156 9.38 2.28 -0.91
N SER A 157 8.93 3.47 -0.49
CA SER A 157 8.26 3.60 0.79
C SER A 157 6.97 2.79 0.81
N MET A 158 6.64 2.28 1.99
CA MET A 158 5.45 1.46 2.19
C MET A 158 4.43 2.22 3.03
N SER A 159 3.16 1.91 2.78
CA SER A 159 2.12 2.35 3.71
C SER A 159 2.29 1.61 5.04
N ARG A 160 1.64 2.14 6.08
CA ARG A 160 1.76 1.50 7.38
C ARG A 160 1.17 0.10 7.37
N GLU A 161 0.09 -0.10 6.61
CA GLU A 161 -0.46 -1.44 6.45
C GLU A 161 0.56 -2.37 5.79
N GLU A 162 1.22 -1.90 4.74
CA GLU A 162 2.19 -2.72 4.04
C GLU A 162 3.39 -3.02 4.94
N ARG A 163 3.80 -2.08 5.78
CA ARG A 163 4.90 -2.33 6.70
C ARG A 163 4.54 -3.43 7.69
N GLN A 164 3.29 -3.43 8.17
CA GLN A 164 2.84 -4.49 9.07
C GLN A 164 2.89 -5.85 8.38
N LEU A 165 2.37 -5.91 7.15
CA LEU A 165 2.43 -7.16 6.40
C LEU A 165 3.86 -7.57 6.12
N PHE A 166 4.70 -6.61 5.76
CA PHE A 166 6.13 -6.86 5.55
C PHE A 166 6.74 -7.55 6.77
N LEU A 167 6.47 -7.03 7.96
CA LEU A 167 7.04 -7.60 9.17
C LEU A 167 6.44 -8.95 9.52
N GLN A 168 5.15 -9.15 9.20
CA GLN A 168 4.54 -10.46 9.44
C GLN A 168 5.18 -11.52 8.56
N ILE A 169 5.40 -11.20 7.27
CA ILE A 169 6.06 -12.14 6.37
C ILE A 169 7.46 -12.48 6.87
N CYS A 170 8.20 -11.45 7.33
CA CYS A 170 9.51 -11.67 7.94
C CYS A 170 9.42 -12.56 9.16
N GLU A 171 8.34 -12.43 9.94
CA GLU A 171 8.19 -13.25 11.13
C GLU A 171 8.04 -14.72 10.78
N VAL A 172 7.28 -15.02 9.72
CA VAL A 172 7.12 -16.40 9.31
C VAL A 172 8.42 -16.94 8.73
N ILE A 173 9.09 -16.13 7.89
CA ILE A 173 10.37 -16.55 7.33
C ILE A 173 11.36 -16.87 8.44
N GLY A 174 11.44 -15.99 9.44
CA GLY A 174 12.38 -16.19 10.53
C GLY A 174 12.09 -17.46 11.32
N SER A 175 10.82 -17.71 11.63
CA SER A 175 10.46 -18.91 12.39
C SER A 175 10.78 -20.18 11.62
N LYS A 176 10.54 -20.17 10.30
CA LYS A 176 10.84 -21.36 9.51
C LYS A 176 12.34 -21.61 9.43
N MET A 177 13.13 -20.54 9.37
CA MET A 177 14.58 -20.71 9.31
C MET A 177 15.18 -20.97 10.68
N THR A 178 14.50 -20.53 11.76
CA THR A 178 15.01 -20.78 13.10
C THR A 178 14.74 -22.22 13.54
N TRP A 179 13.48 -22.63 13.53
CA TRP A 179 13.09 -23.93 14.07
C TRP A 179 13.07 -25.04 13.04
N HIS A 180 13.23 -24.73 11.75
CA HIS A 180 13.22 -25.74 10.70
C HIS A 180 14.29 -25.41 9.66
N PRO A 181 15.56 -25.52 10.03
CA PRO A 181 16.63 -25.30 9.04
C PRO A 181 16.63 -26.31 7.91
N GLU A 182 15.92 -27.43 8.07
CA GLU A 182 15.93 -28.48 7.05
C GLU A 182 15.23 -28.05 5.77
N LEU A 183 14.29 -27.10 5.86
CA LEU A 183 13.61 -26.63 4.66
C LEU A 183 14.60 -25.98 3.69
N LEU A 184 15.42 -25.06 4.19
CA LEU A 184 16.33 -24.33 3.32
C LEU A 184 17.41 -25.22 2.73
N GLN A 185 17.92 -26.17 3.52
CA GLN A 185 18.99 -27.05 3.04
C GLN A 185 18.50 -27.95 1.90
N GLU A 186 17.22 -28.30 1.91
CA GLU A 186 16.64 -29.01 0.78
C GLU A 186 16.57 -28.10 -0.45
N SER A 187 15.96 -26.93 -0.30
CA SER A 187 15.70 -26.05 -1.42
C SER A 187 15.32 -24.67 -0.91
N ILE A 188 15.58 -23.65 -1.74
CA ILE A 188 14.98 -22.35 -1.47
C ILE A 188 13.48 -22.40 -1.75
N SER A 189 13.05 -23.29 -2.65
CA SER A 189 11.64 -23.39 -2.98
C SER A 189 10.84 -24.05 -1.87
N THR A 190 11.43 -25.02 -1.16
CA THR A 190 10.71 -25.64 -0.06
C THR A 190 10.49 -24.66 1.09
N LEU A 191 11.48 -23.80 1.36
CA LEU A 191 11.28 -22.75 2.34
C LEU A 191 10.18 -21.79 1.89
N ARG A 192 10.20 -21.40 0.61
CA ARG A 192 9.27 -20.38 0.13
C ARG A 192 7.84 -20.90 0.08
N LYS A 193 7.64 -22.14 -0.35
CA LYS A 193 6.28 -22.67 -0.38
C LYS A 193 5.73 -22.87 1.02
N GLU A 194 6.59 -22.95 2.03
CA GLU A 194 6.14 -23.01 3.42
C GLU A 194 5.69 -21.66 3.95
N VAL A 195 6.21 -20.55 3.39
CA VAL A 195 5.77 -19.24 3.85
C VAL A 195 4.62 -18.71 2.99
N THR A 196 4.67 -18.89 1.66
CA THR A 196 3.54 -18.49 0.84
C THR A 196 2.34 -19.41 1.06
N GLY A 197 2.56 -20.65 1.50
CA GLY A 197 1.48 -21.54 1.84
C GLY A 197 0.92 -21.37 3.23
N ASN A 198 1.59 -20.58 4.07
CA ASN A 198 1.13 -20.37 5.44
C ASN A 198 -0.26 -19.75 5.44
N ALA A 199 -1.12 -20.25 6.32
CA ALA A 199 -2.54 -19.86 6.30
C ALA A 199 -2.72 -18.39 6.63
N GLN A 200 -2.01 -17.88 7.63
CA GLN A 200 -2.17 -16.48 8.02
C GLN A 200 -1.61 -15.54 6.96
N ILE A 201 -0.48 -15.91 6.34
CA ILE A 201 0.12 -15.07 5.32
C ILE A 201 -0.79 -14.98 4.10
N LYS A 202 -1.27 -16.12 3.62
CA LYS A 202 -2.19 -16.13 2.49
C LYS A 202 -3.43 -15.30 2.79
N THR A 203 -4.00 -15.48 3.98
CA THR A 203 -5.21 -14.74 4.35
C THR A 203 -4.92 -13.24 4.44
N ALA A 204 -3.79 -12.87 5.05
CA ALA A 204 -3.48 -11.46 5.23
C ALA A 204 -3.17 -10.79 3.89
N VAL A 205 -2.51 -11.50 2.99
CA VAL A 205 -2.18 -10.92 1.68
C VAL A 205 -3.45 -10.70 0.87
N TYR A 206 -4.36 -11.67 0.87
CA TYR A 206 -5.61 -11.51 0.14
C TYR A 206 -6.49 -10.46 0.77
N GLU A 207 -6.52 -10.41 2.11
CA GLU A 207 -7.32 -9.41 2.81
C GLU A 207 -6.90 -8.00 2.39
N MET A 208 -5.61 -7.78 2.18
CA MET A 208 -5.11 -6.45 1.85
C MET A 208 -5.29 -6.11 0.38
N MET A 209 -5.02 -7.06 -0.51
CA MET A 209 -5.00 -6.82 -1.95
C MET A 209 -6.31 -7.11 -2.65
N ARG A 210 -6.98 -8.21 -2.29
CA ARG A 210 -8.25 -8.61 -2.92
C ARG A 210 -9.22 -9.05 -1.82
N PRO A 211 -9.73 -8.09 -1.04
CA PRO A 211 -10.48 -8.46 0.18
C PRO A 211 -11.72 -9.33 -0.08
N ALA A 212 -12.36 -9.19 -1.24
CA ALA A 212 -13.57 -9.96 -1.53
C ALA A 212 -13.29 -11.22 -2.32
N GLU A 213 -12.03 -11.55 -2.59
CA GLU A 213 -11.65 -12.74 -3.32
C GLU A 213 -11.07 -13.76 -2.35
N ALA A 214 -11.64 -14.96 -2.34
CA ALA A 214 -11.07 -16.02 -1.53
C ALA A 214 -9.76 -16.50 -2.13
N PRO A 215 -8.79 -16.88 -1.30
CA PRO A 215 -7.52 -17.41 -1.85
C PRO A 215 -7.72 -18.61 -2.77
N ASP A 216 -8.70 -19.47 -2.48
CA ASP A 216 -9.03 -20.60 -3.33
C ASP A 216 -10.05 -20.23 -4.41
N HIS A 217 -10.14 -18.96 -4.77
CA HIS A 217 -11.09 -18.53 -5.79
C HIS A 217 -10.83 -19.29 -7.09
N PRO A 218 -11.87 -19.80 -7.76
CA PRO A 218 -11.65 -20.61 -8.96
C PRO A 218 -11.32 -19.77 -10.19
N LEU A 219 -10.42 -20.32 -11.01
CA LEU A 219 -10.00 -19.70 -12.25
C LEU A 219 -11.19 -19.26 -13.10
N VAL A 220 -11.02 -18.14 -13.80
CA VAL A 220 -11.99 -17.66 -14.78
C VAL A 220 -11.29 -17.68 -16.14
N GLU A 221 -11.97 -18.23 -17.14
CA GLU A 221 -11.35 -18.44 -18.44
C GLU A 221 -11.14 -17.12 -19.19
N TRP A 222 -10.04 -17.03 -19.93
CA TRP A 222 -9.61 -15.79 -20.57
C TRP A 222 -10.47 -15.49 -21.80
N GLN A 223 -10.82 -14.21 -21.96
CA GLN A 223 -11.57 -13.72 -23.11
C GLN A 223 -10.85 -12.48 -23.64
N ASP A 224 -10.26 -12.60 -24.83
CA ASP A 224 -9.38 -11.57 -25.38
C ASP A 224 -10.23 -10.43 -25.93
N SER A 225 -10.47 -9.42 -25.09
CA SER A 225 -11.21 -8.24 -25.48
C SER A 225 -10.31 -7.06 -25.85
N LEU A 226 -8.99 -7.23 -25.73
CA LEU A 226 -8.06 -6.10 -25.81
C LEU A 226 -7.56 -5.88 -27.23
N THR A 227 -7.36 -4.61 -27.57
CA THR A 227 -6.65 -4.24 -28.79
C THR A 227 -5.15 -4.36 -28.56
N ALA A 228 -4.38 -4.16 -29.65
CA ALA A 228 -2.93 -4.22 -29.54
C ALA A 228 -2.40 -3.08 -28.67
N ASP A 229 -2.95 -1.88 -28.82
CA ASP A 229 -2.52 -0.75 -28.01
C ASP A 229 -2.74 -1.02 -26.53
N GLU A 230 -3.87 -1.64 -26.18
CA GLU A 230 -4.15 -1.93 -24.78
C GLU A 230 -3.18 -2.95 -24.22
N LYS A 231 -2.79 -3.94 -25.03
CA LYS A 231 -1.83 -4.94 -24.57
C LYS A 231 -0.46 -4.31 -24.33
N SER A 232 -0.06 -3.37 -25.20
CA SER A 232 1.19 -2.66 -24.97
C SER A 232 1.13 -1.83 -23.70
N MET A 233 -0.01 -1.16 -23.45
CA MET A 233 -0.17 -0.36 -22.25
C MET A 233 -0.06 -1.22 -20.99
N LEU A 234 -0.56 -2.45 -21.04
CA LEU A 234 -0.50 -3.35 -19.90
C LEU A 234 0.85 -4.03 -19.75
N ALA A 235 1.69 -4.02 -20.79
CA ALA A 235 2.96 -4.75 -20.73
C ALA A 235 3.84 -4.27 -19.59
N CYS A 236 3.68 -3.03 -19.16
CA CYS A 236 4.57 -2.49 -18.13
C CYS A 236 4.34 -3.11 -16.76
N ILE A 237 3.19 -3.77 -16.53
CA ILE A 237 2.94 -4.37 -15.22
C ILE A 237 3.46 -5.80 -15.12
N ASN A 238 4.00 -6.36 -16.20
CA ASN A 238 4.58 -7.70 -16.18
C ASN A 238 5.89 -7.73 -16.98
N ALA A 239 6.79 -6.78 -16.66
CA ALA A 239 8.15 -6.77 -17.18
C ALA A 239 8.19 -6.73 -18.70
N GLY A 240 7.40 -5.84 -19.29
CA GLY A 240 7.46 -5.57 -20.71
C GLY A 240 6.81 -6.60 -21.60
N ASN A 241 6.10 -7.58 -21.05
CA ASN A 241 5.44 -8.63 -21.81
C ASN A 241 3.96 -8.65 -21.47
N PHE A 242 3.16 -9.16 -22.41
CA PHE A 242 1.75 -9.41 -22.15
C PHE A 242 1.49 -10.91 -22.27
N GLU A 243 1.20 -11.55 -21.15
CA GLU A 243 0.80 -12.95 -21.11
C GLU A 243 -0.48 -13.03 -20.26
N PRO A 244 -1.60 -13.46 -20.83
CA PRO A 244 -2.87 -13.39 -20.09
C PRO A 244 -2.84 -14.10 -18.74
N THR A 245 -2.14 -15.22 -18.63
CA THR A 245 -2.18 -16.04 -17.44
C THR A 245 -1.24 -15.56 -16.33
N THR A 246 -0.44 -14.52 -16.57
CA THR A 246 0.46 -13.99 -15.54
C THR A 246 0.39 -12.48 -15.38
N GLN A 247 -0.34 -11.77 -16.25
CA GLN A 247 -0.29 -10.31 -16.27
C GLN A 247 -0.70 -9.69 -14.95
N PHE A 248 -1.54 -10.37 -14.17
CA PHE A 248 -2.28 -9.72 -13.10
C PHE A 248 -1.96 -10.25 -11.71
N CYS A 249 -0.89 -11.05 -11.56
CA CYS A 249 -0.58 -11.62 -10.26
C CYS A 249 -0.22 -10.56 -9.23
N LYS A 250 0.12 -9.34 -9.65
CA LYS A 250 0.48 -8.26 -8.74
C LYS A 250 -0.63 -7.24 -8.56
N ILE A 251 -1.78 -7.43 -9.19
CA ILE A 251 -2.86 -6.44 -9.18
C ILE A 251 -3.89 -6.82 -8.15
N GLY A 252 -4.23 -5.89 -7.26
CA GLY A 252 -5.31 -6.05 -6.32
C GLY A 252 -6.49 -5.18 -6.70
N TYR A 253 -7.63 -5.46 -6.06
CA TYR A 253 -8.84 -4.70 -6.33
C TYR A 253 -9.77 -4.80 -5.12
N GLN A 254 -10.47 -3.70 -4.85
CA GLN A 254 -11.46 -3.64 -3.79
C GLN A 254 -12.63 -2.79 -4.26
N GLU A 255 -13.83 -3.14 -3.80
CA GLU A 255 -15.04 -2.41 -4.15
C GLU A 255 -15.55 -1.68 -2.91
N VAL A 256 -15.76 -0.37 -3.06
CA VAL A 256 -16.44 0.43 -2.05
C VAL A 256 -17.77 0.85 -2.65
N GLN A 257 -18.87 0.43 -2.02
CA GLN A 257 -20.22 0.70 -2.50
C GLN A 257 -20.37 0.27 -3.95
N GLY A 258 -19.80 -0.89 -4.29
CA GLY A 258 -19.94 -1.47 -5.60
C GLY A 258 -19.00 -0.93 -6.66
N GLU A 259 -18.07 -0.04 -6.30
CA GLU A 259 -17.18 0.59 -7.25
C GLU A 259 -15.76 0.07 -7.03
N VAL A 260 -15.17 -0.48 -8.09
CA VAL A 260 -13.87 -1.14 -7.97
C VAL A 260 -12.75 -0.11 -8.10
N ALA A 261 -11.71 -0.29 -7.29
CA ALA A 261 -10.46 0.46 -7.40
C ALA A 261 -9.31 -0.52 -7.45
N PHE A 262 -8.37 -0.26 -8.35
CA PHE A 262 -7.24 -1.16 -8.55
C PHE A 262 -5.98 -0.61 -7.90
N SER A 263 -5.03 -1.50 -7.66
CA SER A 263 -3.77 -1.16 -7.01
C SER A 263 -2.77 -2.26 -7.30
N MET A 264 -1.50 -1.99 -7.02
CA MET A 264 -0.44 -2.96 -7.26
C MET A 264 0.28 -3.29 -5.97
N MET A 265 0.54 -4.58 -5.77
CA MET A 265 1.30 -5.06 -4.63
C MET A 265 2.65 -4.35 -4.54
N HIS A 266 3.05 -4.01 -3.32
CA HIS A 266 4.32 -3.33 -3.12
C HIS A 266 5.49 -4.25 -3.51
N PRO A 267 6.53 -3.70 -4.16
CA PRO A 267 7.62 -4.57 -4.66
C PRO A 267 8.34 -5.38 -3.60
N CYS A 268 8.57 -4.79 -2.42
CA CYS A 268 9.22 -5.54 -1.34
C CYS A 268 8.36 -6.68 -0.83
N ILE A 269 7.04 -6.54 -0.89
CA ILE A 269 6.16 -7.66 -0.55
C ILE A 269 6.24 -8.72 -1.64
N SER A 270 6.18 -8.30 -2.90
CA SER A 270 6.36 -9.22 -4.01
C SER A 270 7.71 -9.92 -3.90
N TYR A 271 8.77 -9.16 -3.62
CA TYR A 271 10.11 -9.74 -3.52
C TYR A 271 10.18 -10.75 -2.38
N LEU A 272 9.68 -10.37 -1.21
CA LEU A 272 9.80 -11.20 -0.02
C LEU A 272 9.11 -12.55 -0.20
N LEU A 273 7.96 -12.56 -0.88
CA LEU A 273 7.18 -13.78 -1.01
C LEU A 273 7.75 -14.72 -2.07
N HIS A 274 8.19 -14.18 -3.20
CA HIS A 274 8.49 -14.99 -4.37
C HIS A 274 9.95 -14.99 -4.80
N SER A 275 10.77 -14.04 -4.33
CA SER A 275 12.12 -13.89 -4.83
C SER A 275 13.20 -13.82 -3.75
N TYR A 276 12.82 -13.89 -2.47
CA TYR A 276 13.79 -13.71 -1.40
C TYR A 276 14.77 -14.87 -1.37
N SER A 277 16.05 -14.55 -1.13
CA SER A 277 17.10 -15.54 -0.96
C SER A 277 17.99 -15.10 0.19
N PRO A 278 18.21 -15.98 1.18
CA PRO A 278 19.08 -15.63 2.31
C PRO A 278 20.57 -15.76 2.02
N PHE A 279 20.95 -16.31 0.87
CA PHE A 279 22.35 -16.57 0.60
C PHE A 279 23.06 -15.29 0.20
N SER A 280 24.25 -15.08 0.79
CA SER A 280 25.04 -13.89 0.46
C SER A 280 25.39 -13.85 -1.03
N GLU A 281 25.55 -15.01 -1.65
CA GLU A 281 25.87 -15.05 -3.08
C GLU A 281 24.76 -14.46 -3.93
N PHE A 282 23.50 -14.62 -3.50
CA PHE A 282 22.37 -14.18 -4.30
C PHE A 282 22.08 -12.69 -4.15
N LYS A 283 22.92 -11.94 -3.42
CA LYS A 283 22.66 -10.53 -3.23
C LYS A 283 22.57 -9.74 -4.54
N PRO A 284 23.45 -9.92 -5.52
CA PRO A 284 23.24 -9.24 -6.81
C PRO A 284 21.97 -9.69 -7.51
N THR A 285 21.67 -10.99 -7.52
CA THR A 285 20.46 -11.47 -8.17
C THR A 285 19.22 -11.00 -7.43
N ASN A 286 19.26 -10.98 -6.09
CA ASN A 286 18.15 -10.42 -5.31
C ASN A 286 17.87 -8.99 -5.72
N SER A 287 18.92 -8.16 -5.77
CA SER A 287 18.74 -6.76 -6.17
C SER A 287 18.24 -6.64 -7.60
N GLY A 288 18.63 -7.56 -8.48
CA GLY A 288 18.13 -7.53 -9.85
C GLY A 288 16.63 -7.77 -9.92
N PHE A 289 16.12 -8.70 -9.12
CA PHE A 289 14.68 -8.94 -9.09
C PHE A 289 13.94 -7.74 -8.52
N LEU A 290 14.46 -7.15 -7.44
CA LEU A 290 13.81 -6.02 -6.81
C LEU A 290 13.74 -4.82 -7.76
N LYS A 291 14.84 -4.54 -8.45
CA LYS A 291 14.86 -3.42 -9.38
C LYS A 291 13.82 -3.61 -10.49
N LYS A 292 13.65 -4.84 -10.97
CA LYS A 292 12.63 -5.11 -11.97
C LYS A 292 11.24 -4.94 -11.40
N LEU A 293 11.02 -5.37 -10.14
CA LEU A 293 9.72 -5.18 -9.51
C LEU A 293 9.42 -3.70 -9.30
N ASN A 294 10.43 -2.91 -8.90
CA ASN A 294 10.24 -1.48 -8.76
C ASN A 294 9.85 -0.84 -10.09
N GLN A 295 10.48 -1.31 -11.18
CA GLN A 295 10.23 -0.72 -12.49
C GLN A 295 8.77 -0.92 -12.92
N ASP A 296 8.24 -2.12 -12.71
CA ASP A 296 6.81 -2.37 -12.97
C ASP A 296 5.94 -1.51 -12.07
N TYR A 297 6.35 -1.35 -10.81
CA TYR A 297 5.58 -0.58 -9.85
C TYR A 297 5.50 0.89 -10.25
N ASN A 298 6.65 1.51 -10.54
CA ASN A 298 6.66 2.92 -10.92
C ASN A 298 6.02 3.14 -12.29
N ASP A 299 6.10 2.15 -13.18
CA ASP A 299 5.44 2.28 -14.48
C ASP A 299 3.93 2.27 -14.33
N TYR A 300 3.41 1.42 -13.44
CA TYR A 300 1.97 1.35 -13.24
C TYR A 300 1.42 2.68 -12.74
N HIS A 301 2.07 3.27 -11.73
CA HIS A 301 1.54 4.48 -11.14
C HIS A 301 1.69 5.67 -12.07
N ALA A 302 2.70 5.68 -12.93
CA ALA A 302 2.86 6.77 -13.88
C ALA A 302 1.77 6.73 -14.96
N LYS A 303 1.30 5.55 -15.32
CA LYS A 303 0.30 5.38 -16.37
C LYS A 303 -1.03 4.89 -15.81
N LYS A 304 -1.23 5.04 -14.50
CA LYS A 304 -2.41 4.50 -13.84
C LYS A 304 -3.70 5.08 -14.41
N MET A 305 -3.66 6.33 -14.88
CA MET A 305 -4.85 6.93 -15.46
C MET A 305 -5.30 6.25 -16.75
N PHE A 306 -4.39 5.54 -17.43
CA PHE A 306 -4.75 4.74 -18.59
C PHE A 306 -4.95 3.27 -18.24
N ILE A 307 -4.11 2.73 -17.35
CA ILE A 307 -4.11 1.29 -17.11
C ILE A 307 -5.37 0.85 -16.37
N ASP A 308 -5.79 1.63 -15.37
CA ASP A 308 -6.96 1.24 -14.59
C ASP A 308 -8.22 1.17 -15.46
N VAL A 309 -8.28 1.96 -16.53
CA VAL A 309 -9.38 1.85 -17.49
C VAL A 309 -9.40 0.45 -18.10
N ILE A 310 -8.22 -0.03 -18.55
CA ILE A 310 -8.16 -1.34 -19.17
C ILE A 310 -8.40 -2.45 -18.15
N LEU A 311 -7.83 -2.30 -16.94
CA LEU A 311 -8.06 -3.30 -15.90
C LEU A 311 -9.54 -3.43 -15.56
N GLU A 312 -10.26 -2.31 -15.49
CA GLU A 312 -11.67 -2.37 -15.15
C GLU A 312 -12.47 -3.14 -16.18
N LYS A 313 -12.19 -2.93 -17.47
CA LYS A 313 -12.92 -3.66 -18.51
C LYS A 313 -12.66 -5.15 -18.41
N LEU A 314 -11.41 -5.55 -18.14
CA LEU A 314 -11.12 -6.97 -17.95
C LEU A 314 -11.79 -7.52 -16.70
N TYR A 315 -11.77 -6.73 -15.63
CA TYR A 315 -12.40 -7.12 -14.37
C TYR A 315 -13.89 -7.37 -14.56
N LEU A 316 -14.57 -6.52 -15.33
CA LEU A 316 -16.01 -6.66 -15.50
C LEU A 316 -16.37 -7.82 -16.42
N THR A 317 -15.51 -8.14 -17.38
CA THR A 317 -15.78 -9.23 -18.32
C THR A 317 -15.35 -10.59 -17.78
N HIS A 318 -14.66 -10.64 -16.65
CA HIS A 318 -14.21 -11.89 -16.06
C HIS A 318 -14.76 -12.07 -14.66
N GLU A 319 -16.04 -11.72 -14.49
CA GLU A 319 -16.80 -12.02 -13.27
C GLU A 319 -16.21 -11.32 -12.05
N ARG A 320 -15.82 -10.07 -12.23
CA ARG A 320 -15.26 -9.23 -11.16
C ARG A 320 -14.07 -9.91 -10.50
N SER A 321 -13.10 -10.26 -11.34
CA SER A 321 -11.86 -10.87 -10.89
C SER A 321 -10.83 -10.71 -12.00
N LEU A 322 -9.56 -10.71 -11.61
CA LEU A 322 -8.46 -10.83 -12.55
C LEU A 322 -7.73 -12.14 -12.40
N HIS A 323 -8.29 -13.09 -11.63
CA HIS A 323 -7.77 -14.45 -11.56
C HIS A 323 -8.17 -15.18 -12.83
N ILE A 324 -7.43 -14.90 -13.90
CA ILE A 324 -7.77 -15.33 -15.25
C ILE A 324 -6.83 -16.45 -15.66
N GLY A 325 -7.40 -17.50 -16.27
CA GLY A 325 -6.62 -18.61 -16.76
C GLY A 325 -6.98 -18.95 -18.20
N LYS A 326 -6.16 -19.82 -18.78
CA LYS A 326 -6.35 -20.30 -20.15
C LYS A 326 -6.15 -21.80 -20.17
N ASP A 327 -7.14 -22.51 -20.70
CA ASP A 327 -7.10 -23.98 -20.82
C ASP A 327 -6.78 -24.63 -19.48
N GLY A 328 -7.29 -24.03 -18.39
CA GLY A 328 -7.22 -24.63 -17.07
C GLY A 328 -6.04 -24.22 -16.21
N CYS A 329 -5.16 -23.36 -16.70
CA CYS A 329 -3.98 -22.95 -15.96
C CYS A 329 -3.94 -21.44 -15.80
N SER A 330 -3.55 -20.98 -14.61
CA SER A 330 -3.44 -19.56 -14.32
C SER A 330 -2.34 -19.33 -13.31
N ARG A 331 -1.60 -18.24 -13.48
CA ARG A 331 -0.63 -17.76 -12.50
C ARG A 331 -1.00 -16.36 -12.01
N ASN A 332 -2.28 -16.00 -12.11
CA ASN A 332 -2.75 -14.68 -11.69
C ASN A 332 -3.21 -14.66 -10.24
N ILE A 333 -2.89 -15.71 -9.48
CA ILE A 333 -3.08 -15.73 -8.04
C ILE A 333 -2.10 -14.76 -7.40
N LEU A 334 -2.41 -14.27 -6.19
CA LEU A 334 -1.47 -13.39 -5.51
C LEU A 334 -0.30 -14.18 -4.94
N LEU A 335 -0.57 -15.36 -4.40
CA LEU A 335 0.42 -16.27 -3.82
C LEU A 335 -0.27 -17.58 -3.53
N THR A 336 0.48 -18.68 -3.61
CA THR A 336 -0.06 -19.99 -3.31
C THR A 336 0.87 -20.80 -2.40
N LYS B 2 -16.79 3.25 -25.48
CA LYS B 2 -16.07 3.65 -24.28
C LYS B 2 -17.01 3.95 -23.12
N THR B 3 -16.81 3.28 -21.98
CA THR B 3 -17.50 3.68 -20.76
C THR B 3 -16.90 4.97 -20.21
N TYR B 4 -15.58 4.99 -20.04
CA TYR B 4 -14.87 6.21 -19.67
C TYR B 4 -13.46 6.16 -20.23
N ASP B 5 -12.81 7.32 -20.28
CA ASP B 5 -11.54 7.47 -20.97
C ASP B 5 -10.34 7.49 -20.03
N TYR B 6 -10.41 8.21 -18.91
CA TYR B 6 -9.29 8.32 -17.99
C TYR B 6 -9.78 8.18 -16.56
N LEU B 7 -8.88 7.71 -15.68
CA LEU B 7 -9.12 7.66 -14.25
C LEU B 7 -8.23 8.66 -13.55
N PHE B 8 -8.85 9.65 -12.89
CA PHE B 8 -8.14 10.66 -12.11
C PHE B 8 -8.34 10.33 -10.63
N LYS B 9 -7.27 9.92 -9.95
CA LYS B 9 -7.33 9.67 -8.52
C LYS B 9 -7.11 10.98 -7.77
N LEU B 10 -8.02 11.31 -6.86
CA LEU B 10 -7.94 12.52 -6.06
C LEU B 10 -7.98 12.18 -4.58
N LEU B 11 -7.40 13.06 -3.77
CA LEU B 11 -7.31 12.90 -2.33
C LEU B 11 -7.95 14.10 -1.64
N LEU B 12 -8.84 13.84 -0.69
CA LEU B 12 -9.36 14.89 0.18
C LEU B 12 -8.52 14.93 1.45
N ILE B 13 -7.91 16.08 1.72
CA ILE B 13 -6.94 16.25 2.79
C ILE B 13 -7.40 17.39 3.68
N GLY B 14 -7.26 17.21 4.99
CA GLY B 14 -7.63 18.24 5.95
C GLY B 14 -7.85 17.65 7.31
N ASP B 15 -8.02 18.54 8.28
CA ASP B 15 -8.29 18.10 9.65
C ASP B 15 -9.67 17.44 9.73
N SER B 16 -9.87 16.69 10.81
CA SER B 16 -11.16 16.05 11.03
C SER B 16 -12.18 17.08 11.52
N GLY B 17 -13.39 17.01 10.98
CA GLY B 17 -14.48 17.89 11.35
C GLY B 17 -14.73 19.03 10.39
N VAL B 18 -13.82 19.28 9.44
CA VAL B 18 -13.96 20.42 8.54
C VAL B 18 -14.89 20.14 7.37
N GLY B 19 -15.36 18.92 7.21
CA GLY B 19 -16.37 18.60 6.23
C GLY B 19 -15.93 17.81 5.01
N LYS B 20 -14.81 17.09 5.08
CA LYS B 20 -14.32 16.35 3.91
C LYS B 20 -15.34 15.34 3.41
N THR B 21 -15.91 14.54 4.33
CA THR B 21 -16.86 13.52 3.92
C THR B 21 -18.14 14.13 3.36
N CYS B 22 -18.60 15.25 3.93
CA CYS B 22 -19.79 15.92 3.41
C CYS B 22 -19.52 16.52 2.03
N VAL B 23 -18.35 17.10 1.83
CA VAL B 23 -18.00 17.62 0.50
C VAL B 23 -18.01 16.50 -0.53
N LEU B 24 -17.43 15.36 -0.17
CA LEU B 24 -17.37 14.22 -1.08
C LEU B 24 -18.77 13.72 -1.45
N PHE B 25 -19.65 13.58 -0.45
CA PHE B 25 -20.97 13.05 -0.71
C PHE B 25 -21.86 14.07 -1.41
N ARG B 26 -21.59 15.36 -1.22
CA ARG B 26 -22.28 16.38 -2.01
C ARG B 26 -21.89 16.29 -3.47
N PHE B 27 -20.59 16.16 -3.75
CA PHE B 27 -20.15 16.14 -5.14
C PHE B 27 -20.52 14.85 -5.83
N SER B 28 -20.44 13.72 -5.12
CA SER B 28 -20.63 12.43 -5.78
C SER B 28 -22.10 12.00 -5.82
N GLU B 29 -22.85 12.25 -4.76
CA GLU B 29 -24.24 11.77 -4.70
C GLU B 29 -25.25 12.90 -4.50
N ASP B 30 -24.82 14.16 -4.52
CA ASP B 30 -25.71 15.31 -4.33
C ASP B 30 -26.54 15.14 -3.05
N ALA B 31 -25.84 14.88 -1.94
CA ALA B 31 -26.50 14.51 -0.70
C ALA B 31 -25.85 15.25 0.47
N PHE B 32 -26.66 15.47 1.50
CA PHE B 32 -26.20 16.05 2.76
C PHE B 32 -27.12 15.56 3.87
N ASN B 33 -26.61 14.70 4.74
CA ASN B 33 -27.29 14.27 5.98
C ASN B 33 -28.56 13.51 5.61
N SER B 34 -29.66 13.71 6.34
CA SER B 34 -30.94 13.05 6.13
C SER B 34 -30.83 11.53 6.23
N THR B 35 -30.89 10.83 5.10
CA THR B 35 -30.72 9.38 5.07
C THR B 35 -29.23 9.07 5.24
N PHE B 36 -28.81 9.06 6.50
CA PHE B 36 -27.39 9.03 6.85
C PHE B 36 -26.76 7.70 6.47
N ILE B 37 -25.55 7.75 5.90
CA ILE B 37 -24.74 6.57 5.65
C ILE B 37 -23.35 6.87 6.21
N SER B 38 -23.07 6.37 7.41
CA SER B 38 -21.82 6.70 8.07
C SER B 38 -20.69 5.88 7.47
N THR B 39 -19.59 6.55 7.18
CA THR B 39 -18.49 5.91 6.45
C THR B 39 -17.81 4.88 7.35
N ILE B 40 -18.46 3.72 7.46
CA ILE B 40 -17.78 2.53 7.93
C ILE B 40 -17.05 1.96 6.72
N GLY B 41 -15.88 2.51 6.42
CA GLY B 41 -15.07 2.02 5.34
C GLY B 41 -15.32 2.62 3.98
N ILE B 42 -16.02 3.75 3.90
CA ILE B 42 -16.21 4.40 2.60
C ILE B 42 -14.94 5.18 2.27
N ASP B 43 -13.93 4.46 1.78
CA ASP B 43 -12.62 5.07 1.56
C ASP B 43 -12.63 6.02 0.36
N PHE B 44 -13.53 5.80 -0.60
CA PHE B 44 -13.58 6.65 -1.78
C PHE B 44 -14.97 6.62 -2.38
N LYS B 45 -15.27 7.64 -3.17
CA LYS B 45 -16.46 7.69 -4.00
C LYS B 45 -16.03 8.14 -5.40
N ILE B 46 -16.84 7.78 -6.40
CA ILE B 46 -16.51 8.12 -7.78
C ILE B 46 -17.59 9.03 -8.35
N ARG B 47 -17.18 9.80 -9.35
CA ARG B 47 -18.09 10.64 -10.13
C ARG B 47 -17.47 10.80 -11.51
N THR B 48 -18.20 10.41 -12.54
CA THR B 48 -17.71 10.48 -13.91
C THR B 48 -18.20 11.77 -14.56
N ILE B 49 -17.26 12.61 -15.00
CA ILE B 49 -17.61 13.88 -15.63
C ILE B 49 -17.13 13.87 -17.08
N GLU B 50 -17.44 14.92 -17.82
CA GLU B 50 -17.08 15.03 -19.23
C GLU B 50 -16.31 16.32 -19.46
N LEU B 51 -15.10 16.21 -20.03
CA LEU B 51 -14.27 17.34 -20.37
C LEU B 51 -13.79 17.18 -21.80
N ASP B 52 -14.10 18.16 -22.65
CA ASP B 52 -13.58 18.21 -24.02
C ASP B 52 -13.90 16.93 -24.80
N GLY B 53 -15.07 16.36 -24.53
CA GLY B 53 -15.50 15.14 -25.19
C GLY B 53 -14.95 13.87 -24.59
N LYS B 54 -14.05 13.96 -23.61
CA LYS B 54 -13.53 12.79 -22.91
C LYS B 54 -14.23 12.66 -21.56
N ARG B 55 -14.58 11.43 -21.19
CA ARG B 55 -15.27 11.16 -19.94
C ARG B 55 -14.25 10.72 -18.89
N ILE B 56 -14.16 11.48 -17.81
CA ILE B 56 -13.18 11.27 -16.75
C ILE B 56 -13.88 10.68 -15.54
N LYS B 57 -13.39 9.56 -15.05
CA LYS B 57 -13.85 8.99 -13.78
C LYS B 57 -13.00 9.56 -12.66
N LEU B 58 -13.58 10.46 -11.88
CA LEU B 58 -12.90 11.00 -10.70
C LEU B 58 -13.08 10.03 -9.54
N GLN B 59 -11.97 9.47 -9.06
CA GLN B 59 -11.96 8.53 -7.95
C GLN B 59 -11.40 9.28 -6.74
N ILE B 60 -12.29 9.73 -5.86
CA ILE B 60 -11.96 10.71 -4.82
C ILE B 60 -11.89 9.99 -3.48
N TRP B 61 -10.71 10.02 -2.86
CA TRP B 61 -10.47 9.32 -1.61
C TRP B 61 -10.68 10.24 -0.41
N ASP B 62 -11.10 9.63 0.69
CA ASP B 62 -11.45 10.34 1.92
C ASP B 62 -10.91 9.55 3.11
N THR B 63 -9.58 9.39 3.15
CA THR B 63 -8.92 8.59 4.17
C THR B 63 -8.00 9.40 5.07
N ALA B 64 -7.87 10.71 4.84
CA ALA B 64 -7.07 11.54 5.73
C ALA B 64 -7.72 11.60 7.11
N GLY B 65 -6.88 11.66 8.15
CA GLY B 65 -7.36 11.65 9.51
C GLY B 65 -7.77 10.29 10.04
N GLN B 66 -7.84 9.27 9.19
CA GLN B 66 -8.08 7.91 9.65
C GLN B 66 -6.96 7.49 10.61
N GLU B 67 -5.72 7.55 10.13
CA GLU B 67 -4.54 7.34 10.95
C GLU B 67 -3.44 8.33 10.57
N ARG B 68 -3.77 9.36 9.80
CA ARG B 68 -2.81 10.15 9.06
C ARG B 68 -2.69 11.55 9.66
N PHE B 69 -2.15 11.62 10.86
CA PHE B 69 -1.89 12.89 11.53
C PHE B 69 -0.44 13.31 11.29
N ARG B 70 -0.17 13.66 10.04
CA ARG B 70 1.19 13.91 9.54
C ARG B 70 2.13 12.78 9.95
N THR B 71 1.60 11.56 9.91
CA THR B 71 2.40 10.34 9.89
C THR B 71 2.80 9.97 8.47
N ILE B 72 2.38 10.77 7.49
CA ILE B 72 2.33 10.35 6.10
C ILE B 72 3.72 10.33 5.49
N THR B 73 3.96 9.36 4.59
CA THR B 73 5.15 9.41 3.74
C THR B 73 4.74 9.28 2.28
N THR B 74 5.73 9.02 1.41
CA THR B 74 5.51 9.03 -0.03
C THR B 74 4.38 8.09 -0.46
N ALA B 75 4.17 7.00 0.28
CA ALA B 75 3.22 5.97 -0.15
C ALA B 75 1.79 6.49 -0.22
N TYR B 76 1.42 7.41 0.66
CA TYR B 76 0.03 7.87 0.70
C TYR B 76 -0.35 8.65 -0.55
N TYR B 77 0.60 9.36 -1.16
CA TYR B 77 0.33 10.17 -2.34
C TYR B 77 0.63 9.45 -3.64
N ARG B 78 1.14 8.23 -3.58
CA ARG B 78 1.50 7.50 -4.79
C ARG B 78 0.28 7.23 -5.65
N GLY B 79 0.33 7.67 -6.91
CA GLY B 79 -0.77 7.53 -7.82
C GLY B 79 -1.75 8.70 -7.84
N ALA B 80 -1.67 9.60 -6.87
CA ALA B 80 -2.59 10.73 -6.82
C ALA B 80 -2.29 11.71 -7.94
N MET B 81 -3.33 12.18 -8.62
CA MET B 81 -3.18 13.22 -9.62
C MET B 81 -3.63 14.58 -9.14
N GLY B 82 -4.43 14.64 -8.07
CA GLY B 82 -4.91 15.89 -7.53
C GLY B 82 -5.25 15.81 -6.06
N ILE B 83 -5.04 16.91 -5.32
CA ILE B 83 -5.29 16.95 -3.89
C ILE B 83 -6.18 18.14 -3.57
N MET B 84 -7.26 17.89 -2.84
CA MET B 84 -8.17 18.93 -2.37
C MET B 84 -7.91 19.14 -0.88
N LEU B 85 -7.35 20.29 -0.53
CA LEU B 85 -7.08 20.63 0.87
C LEU B 85 -8.27 21.38 1.43
N VAL B 86 -8.78 20.94 2.58
CA VAL B 86 -10.01 21.46 3.15
C VAL B 86 -9.74 21.95 4.57
N TYR B 87 -10.19 23.17 4.87
CA TYR B 87 -10.28 23.63 6.25
C TYR B 87 -11.69 24.15 6.50
N ASP B 88 -11.94 24.51 7.75
CA ASP B 88 -13.24 24.94 8.22
C ASP B 88 -13.15 26.40 8.60
N ILE B 89 -13.91 27.26 7.92
CA ILE B 89 -13.92 28.68 8.29
C ILE B 89 -14.56 28.91 9.64
N THR B 90 -15.24 27.89 10.19
CA THR B 90 -15.66 27.90 11.59
C THR B 90 -14.46 27.80 12.55
N ASN B 91 -13.33 27.29 12.07
CA ASN B 91 -12.25 26.81 12.93
C ASN B 91 -10.90 27.33 12.40
N GLU B 92 -10.31 28.30 13.10
CA GLU B 92 -9.02 28.83 12.66
C GLU B 92 -7.89 27.82 12.87
N LYS B 93 -8.01 26.96 13.89
CA LYS B 93 -7.01 25.92 14.11
C LYS B 93 -6.85 25.05 12.88
N SER B 94 -7.96 24.71 12.22
CA SER B 94 -7.88 23.88 11.02
C SER B 94 -7.34 24.66 9.83
N PHE B 95 -7.49 25.98 9.83
CA PHE B 95 -6.95 26.79 8.75
C PHE B 95 -5.43 26.93 8.87
N ASP B 96 -4.93 27.09 10.09
CA ASP B 96 -3.49 27.18 10.29
C ASP B 96 -2.80 25.86 10.02
N ASN B 97 -3.47 24.74 10.31
CA ASN B 97 -2.90 23.43 10.04
C ASN B 97 -2.71 23.17 8.55
N ILE B 98 -3.35 23.97 7.69
CA ILE B 98 -3.19 23.81 6.25
C ILE B 98 -1.74 23.99 5.84
N ARG B 99 -1.02 24.91 6.49
CA ARG B 99 0.39 25.10 6.19
C ARG B 99 1.19 23.82 6.41
N ASN B 100 0.83 23.04 7.44
CA ASN B 100 1.51 21.76 7.68
C ASN B 100 1.19 20.76 6.58
N TRP B 101 -0.09 20.59 6.25
CA TRP B 101 -0.48 19.65 5.20
C TRP B 101 0.24 19.97 3.90
N ILE B 102 0.44 21.26 3.61
CA ILE B 102 1.07 21.64 2.35
C ILE B 102 2.53 21.19 2.33
N ARG B 103 3.28 21.47 3.41
CA ARG B 103 4.68 21.08 3.42
C ARG B 103 4.83 19.56 3.46
N ASN B 104 3.87 18.86 4.08
CA ASN B 104 3.85 17.40 3.98
C ASN B 104 3.68 16.94 2.53
N ILE B 105 2.98 17.74 1.71
CA ILE B 105 2.73 17.36 0.33
C ILE B 105 3.95 17.62 -0.55
N GLU B 106 4.56 18.80 -0.41
CA GLU B 106 5.70 19.15 -1.27
C GLU B 106 6.89 18.23 -1.01
N GLU B 107 7.03 17.73 0.22
CA GLU B 107 8.15 16.88 0.56
C GLU B 107 7.87 15.40 0.36
N HIS B 108 6.61 15.01 0.16
CA HIS B 108 6.26 13.59 0.01
C HIS B 108 5.51 13.25 -1.27
N ALA B 109 4.83 14.19 -1.89
CA ALA B 109 4.08 13.93 -3.12
C ALA B 109 4.88 14.37 -4.34
N SER B 110 4.43 13.90 -5.50
CA SER B 110 5.04 14.33 -6.75
C SER B 110 4.90 15.83 -6.92
N ALA B 111 5.78 16.39 -7.77
CA ALA B 111 5.77 17.83 -8.00
C ALA B 111 4.69 18.26 -8.97
N ASP B 112 4.22 17.37 -9.85
CA ASP B 112 3.18 17.69 -10.81
C ASP B 112 1.79 17.26 -10.33
N VAL B 113 1.60 17.17 -9.02
CA VAL B 113 0.28 16.92 -8.45
C VAL B 113 -0.44 18.25 -8.29
N GLU B 114 -1.64 18.34 -8.86
CA GLU B 114 -2.43 19.56 -8.76
C GLU B 114 -3.09 19.64 -7.39
N LYS B 115 -3.08 20.85 -6.81
CA LYS B 115 -3.60 21.08 -5.47
C LYS B 115 -4.56 22.25 -5.49
N MET B 116 -5.57 22.17 -4.62
CA MET B 116 -6.54 23.25 -4.46
C MET B 116 -6.99 23.30 -3.01
N ILE B 117 -7.29 24.51 -2.53
CA ILE B 117 -7.67 24.75 -1.15
C ILE B 117 -9.17 25.08 -1.09
N LEU B 118 -9.87 24.45 -0.15
CA LEU B 118 -11.30 24.67 0.05
C LEU B 118 -11.52 25.17 1.47
N GLY B 119 -12.12 26.36 1.59
CA GLY B 119 -12.58 26.84 2.87
C GLY B 119 -14.05 26.50 3.06
N ASN B 120 -14.32 25.32 3.60
CA ASN B 120 -15.69 24.81 3.64
C ASN B 120 -16.51 25.51 4.72
N LYS B 121 -17.83 25.36 4.60
CA LYS B 121 -18.85 25.95 5.48
C LYS B 121 -18.98 27.45 5.26
N CYS B 122 -18.99 27.87 3.99
CA CYS B 122 -19.28 29.26 3.64
C CYS B 122 -20.61 29.75 4.21
N ASP B 123 -21.50 28.83 4.58
CA ASP B 123 -22.85 29.18 5.02
C ASP B 123 -22.95 29.56 6.49
N VAL B 124 -21.90 29.34 7.29
CA VAL B 124 -21.96 29.67 8.71
C VAL B 124 -21.17 30.95 8.97
N ASN B 125 -21.80 32.09 8.74
CA ASN B 125 -21.13 33.37 8.97
C ASN B 125 -21.20 33.82 10.43
N ASP B 126 -22.16 33.31 11.21
CA ASP B 126 -22.25 33.70 12.61
C ASP B 126 -21.05 33.17 13.40
N LYS B 127 -20.56 31.99 13.04
CA LYS B 127 -19.46 31.34 13.74
C LYS B 127 -18.15 31.42 12.98
N ARG B 128 -18.03 32.33 12.01
CA ARG B 128 -16.82 32.39 11.20
C ARG B 128 -15.63 32.84 12.03
N GLN B 129 -14.48 32.21 11.79
CA GLN B 129 -13.23 32.57 12.46
C GLN B 129 -12.11 32.95 11.51
N VAL B 130 -12.24 32.67 10.21
CA VAL B 130 -11.21 32.95 9.22
C VAL B 130 -11.82 33.75 8.09
N SER B 131 -11.23 34.91 7.80
CA SER B 131 -11.72 35.75 6.72
C SER B 131 -11.46 35.07 5.37
N LYS B 132 -12.30 35.40 4.39
CA LYS B 132 -12.07 34.91 3.04
C LYS B 132 -10.74 35.43 2.48
N GLU B 133 -10.40 36.69 2.77
CA GLU B 133 -9.16 37.27 2.28
C GLU B 133 -7.95 36.58 2.90
N ARG B 134 -8.08 36.07 4.13
CA ARG B 134 -7.02 35.24 4.68
C ARG B 134 -6.91 33.92 3.95
N GLY B 135 -8.03 33.41 3.44
CA GLY B 135 -7.98 32.19 2.65
C GLY B 135 -7.25 32.38 1.33
N GLU B 136 -7.58 33.45 0.60
CA GLU B 136 -6.93 33.71 -0.67
C GLU B 136 -5.48 34.16 -0.51
N LYS B 137 -5.09 34.65 0.68
CA LYS B 137 -3.71 35.08 0.87
C LYS B 137 -2.79 33.88 1.04
N LEU B 138 -3.22 32.90 1.82
CA LEU B 138 -2.42 31.68 1.98
C LEU B 138 -2.30 30.94 0.66
N ALA B 139 -3.37 30.91 -0.14
CA ALA B 139 -3.33 30.24 -1.42
C ALA B 139 -2.46 31.02 -2.41
N LEU B 140 -2.54 32.35 -2.38
CA LEU B 140 -1.66 33.14 -3.23
C LEU B 140 -0.19 32.92 -2.84
N ASP B 141 0.07 32.65 -1.57
CA ASP B 141 1.44 32.39 -1.12
C ASP B 141 2.03 31.20 -1.86
N TYR B 142 1.29 30.09 -1.90
CA TYR B 142 1.79 28.83 -2.47
C TYR B 142 1.48 28.69 -3.96
N GLY B 143 0.78 29.64 -4.55
CA GLY B 143 0.48 29.58 -5.97
C GLY B 143 -0.47 28.49 -6.37
N ILE B 144 -1.46 28.19 -5.53
CA ILE B 144 -2.50 27.21 -5.84
C ILE B 144 -3.86 27.87 -5.67
N LYS B 145 -4.83 27.39 -6.44
CA LYS B 145 -6.15 28.01 -6.47
C LYS B 145 -6.91 27.78 -5.17
N PHE B 146 -7.84 28.71 -4.88
CA PHE B 146 -8.62 28.70 -3.65
C PHE B 146 -10.06 29.10 -3.94
N MET B 147 -10.99 28.44 -3.26
CA MET B 147 -12.38 28.87 -3.22
C MET B 147 -12.98 28.54 -1.86
N GLU B 148 -14.02 29.28 -1.51
CA GLU B 148 -14.86 28.96 -0.35
C GLU B 148 -16.05 28.11 -0.79
N THR B 149 -16.44 27.17 0.07
CA THR B 149 -17.47 26.20 -0.27
C THR B 149 -18.40 26.00 0.93
N SER B 150 -19.56 25.39 0.65
CA SER B 150 -20.46 24.90 1.69
C SER B 150 -21.12 23.64 1.14
N ALA B 151 -20.81 22.48 1.73
CA ALA B 151 -21.45 21.25 1.27
C ALA B 151 -22.93 21.27 1.59
N LYS B 152 -23.33 21.95 2.67
CA LYS B 152 -24.72 21.98 3.07
C LYS B 152 -25.57 22.75 2.06
N ALA B 153 -25.15 23.97 1.71
CA ALA B 153 -25.90 24.79 0.77
C ALA B 153 -25.57 24.47 -0.68
N ASN B 154 -24.62 23.56 -0.92
CA ASN B 154 -24.17 23.21 -2.27
C ASN B 154 -23.68 24.44 -3.03
N ILE B 155 -22.72 25.13 -2.42
CA ILE B 155 -22.10 26.32 -3.00
C ILE B 155 -20.65 26.00 -3.33
N ASN B 156 -20.31 26.14 -4.61
CA ASN B 156 -18.95 26.06 -5.14
C ASN B 156 -18.36 24.64 -5.10
N VAL B 157 -19.14 23.63 -4.72
CA VAL B 157 -18.61 22.27 -4.69
C VAL B 157 -18.36 21.77 -6.11
N GLU B 158 -19.33 21.95 -7.00
CA GLU B 158 -19.22 21.42 -8.36
C GLU B 158 -18.09 22.08 -9.13
N ASN B 159 -18.01 23.42 -9.10
CA ASN B 159 -17.01 24.12 -9.90
C ASN B 159 -15.61 23.97 -9.32
N ALA B 160 -15.49 23.68 -8.02
CA ALA B 160 -14.18 23.40 -7.45
C ALA B 160 -13.57 22.14 -8.06
N PHE B 161 -14.33 21.04 -8.04
CA PHE B 161 -13.83 19.78 -8.57
C PHE B 161 -13.61 19.85 -10.08
N PHE B 162 -14.46 20.59 -10.78
CA PHE B 162 -14.30 20.73 -12.23
C PHE B 162 -13.04 21.52 -12.57
N THR B 163 -12.70 22.51 -11.76
CA THR B 163 -11.47 23.27 -11.98
C THR B 163 -10.25 22.39 -11.76
N LEU B 164 -10.24 21.63 -10.67
CA LEU B 164 -9.12 20.74 -10.38
C LEU B 164 -8.95 19.70 -11.48
N ALA B 165 -10.05 19.08 -11.90
CA ALA B 165 -9.97 18.07 -12.96
C ALA B 165 -9.52 18.69 -14.28
N ARG B 166 -10.01 19.88 -14.60
CA ARG B 166 -9.59 20.55 -15.83
C ARG B 166 -8.11 20.89 -15.79
N ASP B 167 -7.59 21.24 -14.61
CA ASP B 167 -6.16 21.49 -14.47
C ASP B 167 -5.35 20.20 -14.64
N ILE B 168 -5.86 19.10 -14.11
CA ILE B 168 -5.17 17.82 -14.24
C ILE B 168 -5.14 17.38 -15.69
N LYS B 169 -6.28 17.48 -16.38
CA LYS B 169 -6.35 17.12 -17.79
C LYS B 169 -5.43 18.00 -18.63
N ALA B 170 -5.27 19.27 -18.26
CA ALA B 170 -4.46 20.19 -19.06
C ALA B 170 -3.02 19.75 -19.12
N LYS B 171 -2.40 19.52 -17.96
CA LYS B 171 -0.99 19.16 -17.95
C LYS B 171 -0.76 17.72 -18.36
N MET B 172 -1.76 16.85 -18.16
CA MET B 172 -1.67 15.52 -18.74
C MET B 172 -1.68 15.57 -20.27
N ASP B 173 -2.47 16.50 -20.83
CA ASP B 173 -2.61 16.57 -22.28
C ASP B 173 -1.33 17.10 -22.93
N LYS B 174 -0.69 18.11 -22.34
CA LYS B 174 0.56 18.62 -22.90
C LYS B 174 1.68 17.60 -22.77
N LYS B 175 1.64 16.78 -21.71
CA LYS B 175 2.64 15.74 -21.54
C LYS B 175 2.58 14.71 -22.66
N LEU B 176 1.40 14.52 -23.25
CA LEU B 176 1.20 13.54 -24.31
C LEU B 176 1.52 14.09 -25.69
N GLU B 177 2.25 15.22 -25.77
CA GLU B 177 2.76 15.72 -27.04
C GLU B 177 4.25 15.37 -27.10
N GLY B 178 4.52 14.11 -27.43
CA GLY B 178 5.84 13.55 -27.23
C GLY B 178 6.00 13.13 -25.78
N ASN B 179 6.78 13.91 -25.01
CA ASN B 179 6.80 13.91 -23.55
C ASN B 179 8.00 14.78 -23.12
#